data_6WLO
#
_entry.id   6WLO
#
_entity_poly.entity_id   1
_entity_poly.type   'polyribonucleotide'
_entity_poly.pdbx_seq_one_letter_code
;GGUAGACUCGCAGGAAGUCUACCGAGUAAGAGAAAGAGGAAAGACGGCCAAAUUGCGGGAAAGGGGACAACAGCCGUUCA
GUACCAAGUCUCAGGGAAACUUCAGAUGGCCUCGCAAAGGGUAUGGUAAUAAGCUGACGGACAUGGUCCUAACCACGCAG
UCAAGUCCUAAGUCAACAGCCUUGGCUGUUGAUAUGGAUGCAUUUCGAUCCAACCGAGGCUCAUUCUUGUAAUUCAUGGC
CGUCGGGGAGGCACUUCGGUGCCUCUGAUAACAACUUGAAAUAAGGUUGGCUCAACGGCGCGUGACAGACAAUUCGCGCU
GGAACUGCAGUCGGACCU
;
_entity_poly.pdbx_strand_id   A
#